data_5RZ3
#
_entry.id   5RZ3
#
_cell.length_a   38.630
_cell.length_b   77.280
_cell.length_c   99.020
_cell.angle_alpha   90.000
_cell.angle_beta   90.000
_cell.angle_gamma   90.000
#
_symmetry.space_group_name_H-M   'P 21 21 21'
#
loop_
_entity.id
_entity.type
_entity.pdbx_description
1 polymer 'Isoform 2 of Band 4.1-like protein 3'
2 non-polymer N-(propan-2-yl)pyridin-3-amine
3 non-polymer 'DIMETHYL SULFOXIDE'
4 non-polymer 1,2-ETHANEDIOL
5 water water
#
_entity_poly.entity_id   1
_entity_poly.type   'polypeptide(L)'
_entity_poly.pdbx_seq_one_letter_code
;SMPKSMQCKVILLDGSEYTCDVEKRSRGQVLFDKVCEHLNLLEKDYFGLTYRDAENQKNWLDPAKEIKKQVRSGAWHFSF
NVKFYPPDPAQLSEDITRYYLCLQLRDDIVSGRLPCSFVTLALLGSYTVQSELGDYDPDECGSDYISEFRFAPNHTKELE
DKVIELHKSHRGMTPAEAEMHFLENAKKLSMYGVDLHHAKDSEGVEIMLGVCASGLLIYRDRLRINRFAWPKVLKISYKR
NNFYIKIRPGEFEQFESTIGFKLPNHRAAKRLWKVCVEHHTFFRLL
;
_entity_poly.pdbx_strand_id   A
#
loop_
_chem_comp.id
_chem_comp.type
_chem_comp.name
_chem_comp.formula
DMS non-polymer 'DIMETHYL SULFOXIDE' 'C2 H6 O S'
EDO non-polymer 1,2-ETHANEDIOL 'C2 H6 O2'
WH4 non-polymer N-(propan-2-yl)pyridin-3-amine 'C8 H12 N2'
#
# COMPACT_ATOMS: atom_id res chain seq x y z
N PRO A 3 -8.32 30.64 -18.23
CA PRO A 3 -8.37 29.43 -17.39
C PRO A 3 -7.30 29.47 -16.28
N LYS A 4 -7.71 29.27 -15.05
CA LYS A 4 -6.80 29.38 -13.88
C LYS A 4 -6.31 28.00 -13.46
N SER A 5 -5.00 27.87 -13.26
N SER A 5 -4.99 27.87 -13.34
CA SER A 5 -4.34 26.57 -13.00
CA SER A 5 -4.28 26.62 -12.99
C SER A 5 -3.61 26.58 -11.66
C SER A 5 -3.92 26.65 -11.50
N MET A 6 -3.72 25.46 -10.93
CA MET A 6 -3.14 25.28 -9.59
C MET A 6 -1.91 24.40 -9.79
N GLN A 7 -0.85 24.74 -9.11
CA GLN A 7 0.38 23.95 -9.07
C GLN A 7 0.14 22.73 -8.17
N CYS A 8 0.52 21.55 -8.65
CA CYS A 8 0.42 20.27 -7.89
C CYS A 8 1.82 19.75 -7.65
N LYS A 9 2.11 19.32 -6.43
CA LYS A 9 3.39 18.68 -6.10
C LYS A 9 3.07 17.23 -5.72
N VAL A 10 3.78 16.28 -6.35
CA VAL A 10 3.53 14.84 -6.09
C VAL A 10 4.82 14.19 -5.68
N ILE A 11 4.82 13.57 -4.51
CA ILE A 11 5.96 12.74 -4.06
C ILE A 11 5.85 11.38 -4.75
N LEU A 12 6.84 11.07 -5.58
CA LEU A 12 6.95 9.78 -6.31
C LEU A 12 7.58 8.73 -5.40
N LEU A 13 7.47 7.49 -5.81
CA LEU A 13 7.84 6.35 -4.93
C LEU A 13 9.36 6.26 -4.77
N ASP A 14 10.14 6.85 -5.68
CA ASP A 14 11.63 6.94 -5.50
C ASP A 14 12.02 8.12 -4.60
N GLY A 15 11.03 8.85 -4.03
CA GLY A 15 11.28 9.99 -3.14
C GLY A 15 11.43 11.31 -3.91
N SER A 16 11.43 11.32 -5.23
CA SER A 16 11.54 12.58 -5.99
C SER A 16 10.16 13.26 -6.02
N GLU A 17 10.14 14.54 -6.40
CA GLU A 17 8.94 15.41 -6.45
C GLU A 17 8.62 15.71 -7.92
N TYR A 18 7.39 15.42 -8.37
CA TYR A 18 6.88 15.83 -9.70
C TYR A 18 5.97 17.04 -9.48
N THR A 19 6.20 18.09 -10.27
CA THR A 19 5.38 19.33 -10.22
C THR A 19 4.67 19.47 -11.55
N CYS A 20 3.38 19.75 -11.53
CA CYS A 20 2.61 20.09 -12.75
C CYS A 20 1.49 21.06 -12.39
N ASP A 21 0.76 21.53 -13.39
CA ASP A 21 -0.39 22.43 -13.18
C ASP A 21 -1.62 21.72 -13.72
N VAL A 22 -2.76 21.91 -13.09
CA VAL A 22 -4.09 21.51 -13.61
C VAL A 22 -5.03 22.69 -13.42
N GLU A 23 -6.04 22.80 -14.27
CA GLU A 23 -7.09 23.84 -14.14
C GLU A 23 -7.68 23.67 -12.72
N LYS A 24 -8.04 24.74 -12.02
CA LYS A 24 -8.37 24.66 -10.57
C LYS A 24 -9.62 23.80 -10.30
N ARG A 25 -10.55 23.63 -11.25
CA ARG A 25 -11.77 22.80 -11.09
C ARG A 25 -11.51 21.34 -11.54
N SER A 26 -10.27 20.95 -11.78
CA SER A 26 -9.90 19.62 -12.33
C SER A 26 -10.32 18.53 -11.34
N ARG A 27 -10.74 17.38 -11.87
CA ARG A 27 -11.01 16.16 -11.07
C ARG A 27 -9.71 15.41 -10.87
N GLY A 28 -9.70 14.53 -9.87
CA GLY A 28 -8.46 13.85 -9.48
C GLY A 28 -7.86 13.09 -10.66
N GLN A 29 -8.69 12.50 -11.54
CA GLN A 29 -8.23 11.69 -12.70
C GLN A 29 -7.26 12.50 -13.57
N VAL A 30 -7.52 13.79 -13.77
CA VAL A 30 -6.63 14.70 -14.57
C VAL A 30 -5.20 14.67 -14.04
N LEU A 31 -5.01 14.93 -12.73
CA LEU A 31 -3.66 14.95 -12.15
C LEU A 31 -3.07 13.53 -12.23
N PHE A 32 -3.85 12.53 -11.87
CA PHE A 32 -3.34 11.13 -11.87
C PHE A 32 -2.85 10.73 -13.26
N ASP A 33 -3.60 11.05 -14.31
CA ASP A 33 -3.18 10.76 -15.72
C ASP A 33 -1.84 11.46 -16.00
N LYS A 34 -1.65 12.73 -15.59
CA LYS A 34 -0.35 13.44 -15.77
C LYS A 34 0.76 12.67 -15.07
N VAL A 35 0.54 12.26 -13.81
CA VAL A 35 1.61 11.54 -13.06
C VAL A 35 1.93 10.22 -13.77
N CYS A 36 0.91 9.45 -14.12
CA CYS A 36 1.13 8.12 -14.74
C CYS A 36 1.85 8.28 -16.07
N GLU A 37 1.53 9.31 -16.85
CA GLU A 37 2.26 9.55 -18.11
C GLU A 37 3.73 9.83 -17.83
N HIS A 38 4.04 10.68 -16.84
CA HIS A 38 5.41 10.97 -16.38
C HIS A 38 6.12 9.68 -16.01
N LEU A 39 5.41 8.76 -15.35
CA LEU A 39 6.04 7.50 -14.87
C LEU A 39 6.08 6.45 -15.98
N ASN A 40 5.55 6.71 -17.18
CA ASN A 40 5.42 5.68 -18.25
C ASN A 40 4.63 4.46 -17.75
N LEU A 41 3.59 4.69 -16.96
CA LEU A 41 2.79 3.61 -16.34
C LEU A 41 1.48 3.44 -17.10
N LEU A 42 1.21 2.21 -17.57
CA LEU A 42 -0.03 1.86 -18.29
C LEU A 42 -0.99 1.11 -17.38
N GLU A 43 -0.49 0.24 -16.49
CA GLU A 43 -1.35 -0.56 -15.61
C GLU A 43 -1.67 0.32 -14.39
N LYS A 44 -2.46 1.37 -14.61
CA LYS A 44 -2.69 2.48 -13.67
C LYS A 44 -3.72 2.10 -12.58
N ASP A 45 -4.58 1.11 -12.83
CA ASP A 45 -5.73 0.74 -11.98
C ASP A 45 -5.29 0.32 -10.57
N TYR A 46 -4.06 -0.14 -10.39
CA TYR A 46 -3.56 -0.55 -9.06
C TYR A 46 -3.12 0.65 -8.22
N PHE A 47 -3.07 1.86 -8.77
CA PHE A 47 -2.38 3.00 -8.10
C PHE A 47 -3.37 4.14 -7.86
N GLY A 48 -2.94 5.15 -7.11
CA GLY A 48 -3.74 6.32 -6.78
C GLY A 48 -2.85 7.38 -6.18
N LEU A 49 -3.44 8.51 -5.87
CA LEU A 49 -2.79 9.63 -5.16
C LEU A 49 -3.43 9.79 -3.81
N THR A 50 -2.61 9.99 -2.77
CA THR A 50 -3.06 10.31 -1.42
C THR A 50 -2.73 11.78 -1.17
N TYR A 51 -3.48 12.38 -0.25
CA TYR A 51 -3.18 13.71 0.31
C TYR A 51 -3.44 13.59 1.82
N ARG A 52 -2.95 14.57 2.57
CA ARG A 52 -3.15 14.67 4.05
C ARG A 52 -4.25 15.69 4.31
N ASP A 53 -5.26 15.35 5.12
CA ASP A 53 -6.39 16.26 5.41
C ASP A 53 -5.99 17.18 6.56
N ALA A 54 -6.94 18.05 6.98
CA ALA A 54 -6.71 19.05 8.05
C ALA A 54 -6.55 18.36 9.40
N GLU A 55 -6.87 17.06 9.49
CA GLU A 55 -6.63 16.26 10.72
C GLU A 55 -5.28 15.50 10.58
N ASN A 56 -4.57 15.69 9.45
CA ASN A 56 -3.30 15.04 9.01
C ASN A 56 -3.48 13.54 8.70
N GLN A 57 -4.69 13.11 8.34
CA GLN A 57 -4.97 11.70 7.95
C GLN A 57 -4.70 11.58 6.44
N LYS A 58 -4.08 10.48 6.02
CA LYS A 58 -3.97 10.09 4.59
C LYS A 58 -5.36 9.77 4.05
N ASN A 59 -5.70 10.36 2.92
CA ASN A 59 -6.95 10.09 2.20
C ASN A 59 -6.56 9.73 0.77
N TRP A 60 -7.35 8.89 0.11
CA TRP A 60 -7.22 8.65 -1.34
C TRP A 60 -7.86 9.85 -2.03
N LEU A 61 -7.18 10.44 -3.00
CA LEU A 61 -7.79 11.42 -3.91
C LEU A 61 -8.77 10.65 -4.79
N ASP A 62 -10.04 11.03 -4.78
CA ASP A 62 -11.07 10.38 -5.60
C ASP A 62 -10.94 10.92 -7.02
N PRO A 63 -10.64 10.06 -7.99
CA PRO A 63 -10.40 10.53 -9.35
C PRO A 63 -11.64 11.15 -10.00
N ALA A 64 -12.83 10.81 -9.51
CA ALA A 64 -14.12 11.26 -10.12
C ALA A 64 -14.50 12.65 -9.61
N LYS A 65 -13.91 13.12 -8.52
CA LYS A 65 -14.35 14.34 -7.79
C LYS A 65 -13.33 15.46 -7.95
N GLU A 66 -13.79 16.71 -7.80
CA GLU A 66 -12.90 17.86 -7.97
C GLU A 66 -11.77 17.74 -6.93
N ILE A 67 -10.55 18.05 -7.33
CA ILE A 67 -9.40 18.08 -6.38
C ILE A 67 -9.70 19.10 -5.26
N LYS A 68 -10.21 20.28 -5.63
CA LYS A 68 -10.37 21.38 -4.65
C LYS A 68 -11.39 20.98 -3.57
N LYS A 69 -12.37 20.12 -3.89
CA LYS A 69 -13.42 19.73 -2.92
C LYS A 69 -12.91 18.62 -2.03
N GLN A 70 -11.70 18.15 -2.29
CA GLN A 70 -11.06 17.11 -1.45
C GLN A 70 -9.96 17.76 -0.60
N VAL A 71 -8.99 18.47 -1.20
CA VAL A 71 -7.87 19.07 -0.43
C VAL A 71 -8.42 20.25 0.40
N ARG A 72 -9.50 20.87 -0.08
CA ARG A 72 -10.31 21.88 0.63
C ARG A 72 -9.37 23.01 1.05
N SER A 73 -8.97 23.08 2.32
CA SER A 73 -8.13 24.17 2.85
C SER A 73 -6.65 23.84 2.72
N GLY A 74 -6.29 22.58 2.50
CA GLY A 74 -4.89 22.11 2.47
C GLY A 74 -4.13 22.44 1.19
N ALA A 75 -2.81 22.25 1.24
CA ALA A 75 -1.90 22.39 0.07
C ALA A 75 -2.30 21.37 -1.00
N TRP A 76 -2.00 21.66 -2.25
CA TRP A 76 -2.15 20.71 -3.38
C TRP A 76 -0.88 19.85 -3.47
N HIS A 77 -0.64 19.10 -2.40
CA HIS A 77 0.52 18.22 -2.20
C HIS A 77 -0.01 16.78 -2.10
N PHE A 78 0.60 15.88 -2.85
CA PHE A 78 0.08 14.50 -3.00
C PHE A 78 1.25 13.54 -2.93
N SER A 79 0.95 12.28 -2.64
CA SER A 79 1.88 11.15 -2.86
C SER A 79 1.30 10.17 -3.87
N PHE A 80 2.15 9.60 -4.71
CA PHE A 80 1.82 8.49 -5.64
C PHE A 80 2.00 7.15 -4.90
N ASN A 81 0.97 6.32 -4.83
CA ASN A 81 0.97 5.07 -4.04
C ASN A 81 0.24 3.93 -4.74
N VAL A 82 0.60 2.73 -4.33
CA VAL A 82 -0.19 1.53 -4.65
C VAL A 82 -1.48 1.60 -3.83
N LYS A 83 -2.60 1.46 -4.50
CA LYS A 83 -3.91 1.46 -3.84
C LYS A 83 -4.40 0.02 -3.67
N PHE A 84 -4.28 -0.78 -4.73
CA PHE A 84 -4.73 -2.18 -4.74
C PHE A 84 -3.52 -3.08 -4.98
N TYR A 85 -3.03 -3.74 -3.94
CA TYR A 85 -1.83 -4.60 -4.04
C TYR A 85 -2.21 -5.91 -4.74
N PRO A 86 -1.65 -6.19 -5.92
CA PRO A 86 -2.02 -7.41 -6.64
C PRO A 86 -1.64 -8.66 -5.86
N PRO A 87 -2.57 -9.61 -5.64
CA PRO A 87 -2.21 -10.87 -4.97
C PRO A 87 -1.17 -11.69 -5.76
N ASP A 88 -1.12 -11.50 -7.07
CA ASP A 88 -0.19 -12.26 -7.93
C ASP A 88 0.52 -11.31 -8.87
N PRO A 89 1.59 -10.65 -8.40
CA PRO A 89 2.30 -9.65 -9.19
C PRO A 89 2.86 -10.24 -10.49
N ALA A 90 3.12 -11.55 -10.52
CA ALA A 90 3.57 -12.27 -11.74
C ALA A 90 2.57 -12.08 -12.89
N GLN A 91 1.29 -11.80 -12.61
CA GLN A 91 0.29 -11.70 -13.71
C GLN A 91 0.17 -10.27 -14.22
N LEU A 92 0.86 -9.30 -13.61
CA LEU A 92 0.86 -7.92 -14.16
C LEU A 92 1.48 -7.97 -15.55
N SER A 93 0.98 -7.20 -16.50
CA SER A 93 1.48 -7.34 -17.87
C SER A 93 2.88 -6.69 -18.04
N GLU A 94 3.25 -5.69 -17.23
CA GLU A 94 4.49 -4.91 -17.50
C GLU A 94 5.46 -4.97 -16.31
N ASP A 95 6.73 -5.06 -16.64
CA ASP A 95 7.84 -4.98 -15.68
C ASP A 95 7.76 -3.63 -14.96
N ILE A 96 7.40 -2.55 -15.64
CA ILE A 96 7.48 -1.20 -14.98
C ILE A 96 6.42 -1.15 -13.87
N THR A 97 5.31 -1.88 -14.01
CA THR A 97 4.26 -1.97 -12.99
C THR A 97 4.86 -2.63 -11.76
N ARG A 98 5.58 -3.72 -12.01
CA ARG A 98 6.22 -4.52 -10.94
C ARG A 98 7.25 -3.63 -10.22
N TYR A 99 8.04 -2.87 -10.97
CA TYR A 99 9.04 -1.90 -10.45
C TYR A 99 8.39 -0.91 -9.46
N TYR A 100 7.30 -0.24 -9.82
CA TYR A 100 6.65 0.71 -8.89
C TYR A 100 6.08 -0.03 -7.68
N LEU A 101 5.54 -1.23 -7.87
CA LEU A 101 5.04 -2.02 -6.74
C LEU A 101 6.21 -2.31 -5.77
N CYS A 102 7.39 -2.63 -6.28
CA CYS A 102 8.58 -2.89 -5.44
C CYS A 102 8.94 -1.61 -4.66
N LEU A 103 8.93 -0.46 -5.31
CA LEU A 103 9.27 0.81 -4.63
C LEU A 103 8.28 1.03 -3.47
N GLN A 104 6.99 0.80 -3.69
CA GLN A 104 5.95 1.00 -2.65
C GLN A 104 6.27 0.07 -1.48
N LEU A 105 6.53 -1.20 -1.81
CA LEU A 105 6.76 -2.22 -0.78
C LEU A 105 8.03 -1.89 0.00
N ARG A 106 9.07 -1.41 -0.67
CA ARG A 106 10.29 -0.98 0.07
C ARG A 106 9.94 0.06 1.14
N ASP A 107 9.07 1.01 0.82
CA ASP A 107 8.61 2.02 1.81
C ASP A 107 7.71 1.36 2.87
N ASP A 108 6.87 0.38 2.50
CA ASP A 108 5.98 -0.31 3.45
C ASP A 108 6.92 -0.96 4.49
N ILE A 109 8.05 -1.47 4.04
CA ILE A 109 8.98 -2.22 4.93
C ILE A 109 9.72 -1.22 5.82
N VAL A 110 10.35 -0.20 5.24
CA VAL A 110 11.22 0.75 5.98
C VAL A 110 10.34 1.46 7.02
N SER A 111 9.09 1.74 6.64
CA SER A 111 8.13 2.46 7.50
C SER A 111 7.65 1.58 8.67
N GLY A 112 7.75 0.27 8.56
CA GLY A 112 7.21 -0.69 9.54
C GLY A 112 5.75 -1.03 9.31
N ARG A 113 5.09 -0.54 8.26
CA ARG A 113 3.72 -0.98 7.91
C ARG A 113 3.70 -2.46 7.52
N LEU A 114 4.81 -2.99 6.99
CA LEU A 114 4.88 -4.39 6.52
C LEU A 114 5.96 -5.09 7.33
N PRO A 115 5.59 -5.70 8.47
CA PRO A 115 6.58 -6.32 9.32
C PRO A 115 7.17 -7.51 8.57
N CYS A 116 8.42 -7.83 8.88
N CYS A 116 8.47 -7.71 8.76
CA CYS A 116 9.25 -8.77 8.10
CA CYS A 116 9.29 -8.77 8.14
C CYS A 116 10.31 -9.36 9.02
C CYS A 116 10.17 -9.42 9.20
N SER A 117 10.53 -10.67 8.97
CA SER A 117 11.63 -11.38 9.65
C SER A 117 12.96 -10.81 9.18
N PHE A 118 13.99 -10.96 10.02
CA PHE A 118 15.38 -10.65 9.67
C PHE A 118 15.74 -11.24 8.29
N VAL A 119 15.51 -12.54 8.09
CA VAL A 119 16.02 -13.22 6.86
C VAL A 119 15.27 -12.65 5.67
N THR A 120 13.98 -12.40 5.81
CA THR A 120 13.20 -11.85 4.68
C THR A 120 13.60 -10.39 4.43
N LEU A 121 13.86 -9.59 5.45
CA LEU A 121 14.44 -8.23 5.24
C LEU A 121 15.73 -8.34 4.43
N ALA A 122 16.65 -9.22 4.80
CA ALA A 122 17.92 -9.42 4.06
C ALA A 122 17.67 -9.91 2.64
N LEU A 123 16.75 -10.86 2.46
CA LEU A 123 16.50 -11.42 1.11
C LEU A 123 15.92 -10.34 0.20
N LEU A 124 14.89 -9.66 0.65
CA LEU A 124 14.30 -8.52 -0.11
C LEU A 124 15.35 -7.46 -0.41
N GLY A 125 16.15 -7.08 0.59
CA GLY A 125 17.26 -6.15 0.43
C GLY A 125 18.20 -6.63 -0.67
N SER A 126 18.58 -7.91 -0.64
CA SER A 126 19.52 -8.50 -1.65
C SER A 126 18.94 -8.37 -3.08
N TYR A 127 17.64 -8.54 -3.26
CA TYR A 127 17.01 -8.44 -4.60
C TYR A 127 16.99 -6.96 -5.05
N THR A 128 16.71 -6.06 -4.12
CA THR A 128 16.75 -4.59 -4.42
C THR A 128 18.15 -4.22 -4.89
N VAL A 129 19.17 -4.63 -4.13
CA VAL A 129 20.56 -4.27 -4.49
C VAL A 129 20.85 -4.85 -5.88
N GLN A 130 20.50 -6.11 -6.14
CA GLN A 130 20.76 -6.75 -7.44
C GLN A 130 20.10 -5.96 -8.57
N SER A 131 18.84 -5.57 -8.39
N SER A 131 18.87 -5.50 -8.34
CA SER A 131 18.08 -4.72 -9.33
CA SER A 131 18.07 -4.73 -9.35
C SER A 131 18.83 -3.39 -9.53
C SER A 131 18.58 -3.29 -9.48
N GLU A 132 19.20 -2.73 -8.43
CA GLU A 132 19.71 -1.32 -8.45
C GLU A 132 21.17 -1.27 -8.94
N LEU A 133 22.03 -2.16 -8.46
CA LEU A 133 23.50 -2.10 -8.68
C LEU A 133 23.96 -3.19 -9.64
N GLY A 134 23.17 -4.22 -9.91
CA GLY A 134 23.63 -5.37 -10.69
C GLY A 134 24.42 -6.32 -9.80
N ASP A 135 25.33 -7.05 -10.42
CA ASP A 135 26.07 -8.15 -9.75
C ASP A 135 26.91 -7.60 -8.62
N TYR A 136 27.09 -8.41 -7.58
CA TYR A 136 27.97 -8.14 -6.43
C TYR A 136 29.39 -7.82 -6.92
N ASP A 137 29.97 -6.75 -6.37
CA ASP A 137 31.38 -6.32 -6.59
C ASP A 137 32.05 -6.12 -5.23
N PRO A 138 33.11 -6.89 -4.90
CA PRO A 138 33.84 -6.69 -3.64
C PRO A 138 34.59 -5.35 -3.56
N ASP A 139 34.85 -4.69 -4.70
CA ASP A 139 35.58 -3.38 -4.77
C ASP A 139 34.84 -2.32 -3.96
N GLU A 140 33.52 -2.27 -4.06
CA GLU A 140 32.69 -1.23 -3.40
C GLU A 140 32.41 -1.63 -1.95
N CYS A 141 32.44 -2.94 -1.65
CA CYS A 141 32.01 -3.52 -0.37
C CYS A 141 33.18 -4.25 0.31
N GLY A 142 33.69 -3.69 1.41
CA GLY A 142 34.64 -4.33 2.32
C GLY A 142 33.89 -4.94 3.49
N SER A 143 34.61 -5.35 4.54
CA SER A 143 34.03 -5.99 5.75
C SER A 143 33.22 -4.96 6.56
N ASP A 144 33.35 -3.66 6.23
CA ASP A 144 32.70 -2.54 6.97
C ASP A 144 31.59 -1.90 6.10
N TYR A 145 31.10 -2.58 5.06
CA TYR A 145 30.12 -1.98 4.13
C TYR A 145 28.77 -1.75 4.82
N ILE A 146 28.21 -0.55 4.62
CA ILE A 146 26.81 -0.17 4.95
C ILE A 146 26.18 0.44 3.69
N SER A 147 25.13 -0.18 3.15
CA SER A 147 24.46 0.22 1.89
C SER A 147 23.80 1.58 2.08
N GLU A 148 23.66 2.33 0.99
CA GLU A 148 22.85 3.58 1.00
C GLU A 148 21.37 3.19 1.05
N PHE A 149 21.01 1.97 0.63
CA PHE A 149 19.61 1.53 0.56
C PHE A 149 19.16 1.28 2.00
N ARG A 150 17.98 1.80 2.25
CA ARG A 150 17.14 1.51 3.43
C ARG A 150 16.44 0.19 3.17
N PHE A 151 16.63 -0.75 4.07
CA PHE A 151 16.11 -2.13 4.03
C PHE A 151 15.11 -2.42 5.13
N ALA A 152 15.04 -1.61 6.18
CA ALA A 152 14.30 -2.01 7.40
C ALA A 152 13.99 -0.79 8.26
N PRO A 153 13.04 -0.93 9.19
CA PRO A 153 12.72 0.15 10.12
C PRO A 153 13.88 0.43 11.08
N ASN A 154 14.69 -0.57 11.38
CA ASN A 154 15.97 -0.42 12.11
C ASN A 154 17.06 -1.23 11.39
N HIS A 155 18.19 -0.60 11.14
CA HIS A 155 19.36 -1.23 10.48
C HIS A 155 20.36 -1.74 11.53
N THR A 156 20.93 -2.91 11.26
CA THR A 156 22.05 -3.47 12.07
C THR A 156 23.16 -3.87 11.12
N LYS A 157 24.38 -3.96 11.63
CA LYS A 157 25.50 -4.43 10.79
C LYS A 157 25.21 -5.87 10.35
N GLU A 158 24.65 -6.71 11.23
CA GLU A 158 24.29 -8.11 10.88
C GLU A 158 23.35 -8.13 9.67
N LEU A 159 22.37 -7.21 9.61
CA LEU A 159 21.46 -7.18 8.45
C LEU A 159 22.23 -6.80 7.18
N GLU A 160 23.09 -5.79 7.25
CA GLU A 160 23.90 -5.34 6.07
C GLU A 160 24.73 -6.51 5.57
N ASP A 161 25.32 -7.28 6.48
CA ASP A 161 26.17 -8.43 6.12
C ASP A 161 25.32 -9.50 5.40
N LYS A 162 24.10 -9.73 5.87
CA LYS A 162 23.26 -10.83 5.33
C LYS A 162 22.80 -10.41 3.94
N VAL A 163 22.47 -9.11 3.76
CA VAL A 163 22.11 -8.55 2.44
C VAL A 163 23.25 -8.88 1.47
N ILE A 164 24.49 -8.63 1.86
CA ILE A 164 25.67 -8.84 0.95
C ILE A 164 25.81 -10.33 0.66
N GLU A 165 25.72 -11.18 1.68
CA GLU A 165 25.85 -12.64 1.49
C GLU A 165 24.83 -13.13 0.45
N LEU A 166 23.57 -12.69 0.52
CA LEU A 166 22.51 -13.18 -0.40
C LEU A 166 22.70 -12.52 -1.76
N HIS A 167 23.18 -11.27 -1.79
CA HIS A 167 23.49 -10.56 -3.05
C HIS A 167 24.51 -11.35 -3.87
N LYS A 168 25.50 -11.93 -3.21
CA LYS A 168 26.55 -12.70 -3.91
C LYS A 168 25.89 -13.83 -4.69
N SER A 169 24.78 -14.39 -4.20
CA SER A 169 24.11 -15.58 -4.78
C SER A 169 23.36 -15.17 -6.04
N HIS A 170 23.10 -13.87 -6.30
CA HIS A 170 22.20 -13.45 -7.41
C HIS A 170 22.97 -13.08 -8.70
N ARG A 171 24.24 -13.44 -8.81
CA ARG A 171 25.06 -13.06 -10.00
C ARG A 171 24.33 -13.45 -11.31
N GLY A 172 24.21 -12.51 -12.25
CA GLY A 172 23.62 -12.73 -13.58
C GLY A 172 22.15 -12.36 -13.61
N MET A 173 21.57 -12.04 -12.45
CA MET A 173 20.12 -11.76 -12.36
C MET A 173 19.89 -10.36 -12.91
N THR A 174 18.91 -10.23 -13.80
CA THR A 174 18.59 -8.92 -14.40
C THR A 174 17.62 -8.17 -13.48
N PRO A 175 17.46 -6.84 -13.68
CA PRO A 175 16.58 -6.06 -12.82
C PRO A 175 15.14 -6.60 -12.75
N ALA A 176 14.48 -6.91 -13.89
CA ALA A 176 13.11 -7.45 -13.92
C ALA A 176 13.03 -8.77 -13.15
N GLU A 177 14.04 -9.61 -13.31
CA GLU A 177 14.12 -10.92 -12.61
C GLU A 177 14.23 -10.71 -11.09
N ALA A 178 15.11 -9.81 -10.63
CA ALA A 178 15.31 -9.50 -9.19
C ALA A 178 14.00 -8.92 -8.61
N GLU A 179 13.34 -8.05 -9.36
CA GLU A 179 12.07 -7.43 -8.93
C GLU A 179 10.99 -8.52 -8.85
N MET A 180 10.96 -9.46 -9.78
CA MET A 180 9.96 -10.53 -9.70
C MET A 180 10.22 -11.39 -8.45
N HIS A 181 11.47 -11.75 -8.16
CA HIS A 181 11.84 -12.48 -6.92
C HIS A 181 11.46 -11.68 -5.66
N PHE A 182 11.72 -10.39 -5.67
CA PHE A 182 11.35 -9.51 -4.53
C PHE A 182 9.84 -9.72 -4.26
N LEU A 183 9.02 -9.57 -5.31
CA LEU A 183 7.55 -9.65 -5.20
C LEU A 183 7.04 -11.04 -4.81
N GLU A 184 7.67 -12.10 -5.31
CA GLU A 184 7.26 -13.49 -5.01
C GLU A 184 7.42 -13.74 -3.50
N ASN A 185 8.47 -13.15 -2.91
CA ASN A 185 8.72 -13.21 -1.46
C ASN A 185 7.79 -12.26 -0.69
N ALA A 186 7.71 -11.00 -1.11
CA ALA A 186 6.95 -9.97 -0.35
C ALA A 186 5.46 -10.32 -0.30
N LYS A 187 4.92 -10.94 -1.36
CA LYS A 187 3.45 -11.17 -1.48
C LYS A 187 3.00 -12.19 -0.44
N LYS A 188 3.93 -12.93 0.13
CA LYS A 188 3.60 -13.99 1.10
C LYS A 188 3.50 -13.46 2.54
N LEU A 189 3.96 -12.24 2.78
CA LEU A 189 4.05 -11.70 4.14
C LEU A 189 2.63 -11.50 4.64
N SER A 190 2.39 -11.81 5.90
CA SER A 190 0.99 -11.79 6.41
C SER A 190 0.37 -10.38 6.29
N MET A 191 1.15 -9.28 6.30
CA MET A 191 0.57 -7.91 6.22
C MET A 191 0.71 -7.33 4.80
N TYR A 192 1.06 -8.15 3.82
CA TYR A 192 1.18 -7.68 2.42
C TYR A 192 -0.15 -7.07 1.98
N GLY A 193 -0.10 -5.80 1.62
CA GLY A 193 -1.24 -5.06 1.03
C GLY A 193 -2.37 -4.85 2.03
N VAL A 194 -2.09 -4.99 3.33
CA VAL A 194 -3.12 -4.77 4.38
C VAL A 194 -3.09 -3.32 4.82
N ASP A 195 -4.19 -2.63 4.58
CA ASP A 195 -4.46 -1.26 5.06
C ASP A 195 -5.12 -1.36 6.44
N LEU A 196 -4.42 -0.91 7.48
CA LEU A 196 -4.87 -1.00 8.91
C LEU A 196 -5.61 0.27 9.33
N HIS A 197 -6.77 0.10 9.99
CA HIS A 197 -7.55 1.20 10.58
C HIS A 197 -7.77 0.90 12.06
N HIS A 198 -7.37 1.82 12.93
CA HIS A 198 -7.66 1.74 14.40
C HIS A 198 -9.18 1.80 14.62
N ALA A 199 -9.72 0.96 15.49
CA ALA A 199 -11.16 0.97 15.81
C ALA A 199 -11.39 0.31 17.17
N LYS A 200 -12.62 0.43 17.69
CA LYS A 200 -13.07 -0.34 18.88
C LYS A 200 -14.19 -1.29 18.44
N ASP A 201 -14.24 -2.47 19.06
CA ASP A 201 -15.34 -3.42 18.81
C ASP A 201 -16.55 -2.93 19.61
N SER A 202 -17.68 -3.63 19.48
CA SER A 202 -18.98 -3.34 20.14
C SER A 202 -18.82 -3.26 21.67
N GLU A 203 -17.75 -3.79 22.24
CA GLU A 203 -17.51 -3.83 23.70
C GLU A 203 -16.58 -2.70 24.16
N GLY A 204 -15.99 -1.93 23.24
CA GLY A 204 -15.04 -0.84 23.56
C GLY A 204 -13.58 -1.27 23.52
N VAL A 205 -13.29 -2.51 23.13
CA VAL A 205 -11.90 -3.07 23.10
C VAL A 205 -11.26 -2.58 21.79
N GLU A 206 -10.04 -2.04 21.91
CA GLU A 206 -9.24 -1.46 20.81
C GLU A 206 -8.76 -2.58 19.91
N ILE A 207 -9.13 -2.52 18.64
CA ILE A 207 -8.78 -3.54 17.61
C ILE A 207 -8.17 -2.80 16.42
N MET A 208 -7.68 -3.57 15.45
CA MET A 208 -7.30 -3.01 14.14
C MET A 208 -8.12 -3.75 13.09
N LEU A 209 -8.66 -3.00 12.14
CA LEU A 209 -9.38 -3.56 10.98
C LEU A 209 -8.43 -3.48 9.79
N GLY A 210 -8.15 -4.62 9.14
CA GLY A 210 -7.26 -4.66 7.97
C GLY A 210 -8.10 -4.80 6.72
N VAL A 211 -7.81 -4.00 5.71
CA VAL A 211 -8.53 -4.13 4.42
C VAL A 211 -7.51 -4.63 3.39
N CYS A 212 -7.85 -5.68 2.66
CA CYS A 212 -6.95 -6.22 1.60
C CYS A 212 -7.74 -7.00 0.55
N ALA A 213 -7.04 -7.54 -0.44
CA ALA A 213 -7.61 -8.35 -1.55
C ALA A 213 -8.55 -9.45 -1.01
N SER A 214 -8.16 -10.14 0.06
CA SER A 214 -8.84 -11.41 0.46
C SER A 214 -10.11 -11.06 1.24
N GLY A 215 -10.09 -9.94 1.95
CA GLY A 215 -11.31 -9.47 2.65
C GLY A 215 -11.00 -8.49 3.76
N LEU A 216 -11.77 -8.57 4.84
CA LEU A 216 -11.62 -7.70 6.00
C LEU A 216 -11.05 -8.59 7.11
N LEU A 217 -10.02 -8.08 7.80
CA LEU A 217 -9.35 -8.77 8.94
C LEU A 217 -9.61 -7.97 10.21
N ILE A 218 -9.86 -8.66 11.33
CA ILE A 218 -10.02 -8.05 12.67
C ILE A 218 -8.91 -8.57 13.56
N TYR A 219 -7.92 -7.72 13.87
CA TYR A 219 -6.78 -8.02 14.77
C TYR A 219 -7.17 -7.62 16.19
N ARG A 220 -7.39 -8.61 17.07
CA ARG A 220 -7.91 -8.41 18.44
C ARG A 220 -6.73 -8.38 19.43
N ASP A 221 -6.17 -9.54 19.77
CA ASP A 221 -4.96 -9.65 20.62
C ASP A 221 -4.22 -10.95 20.30
N ARG A 222 -3.22 -10.88 19.42
CA ARG A 222 -2.33 -12.00 18.99
C ARG A 222 -3.14 -13.30 18.89
N LEU A 223 -3.88 -13.65 19.95
CA LEU A 223 -4.77 -14.85 19.97
C LEU A 223 -6.20 -14.39 19.64
N ARG A 224 -6.69 -14.76 18.46
CA ARG A 224 -8.03 -14.41 17.96
C ARG A 224 -7.90 -13.33 16.88
N ILE A 225 -7.74 -13.77 15.63
CA ILE A 225 -7.77 -12.92 14.40
C ILE A 225 -8.93 -13.41 13.52
N ASN A 226 -9.96 -12.57 13.38
CA ASN A 226 -11.15 -12.84 12.54
C ASN A 226 -10.83 -12.44 11.11
N ARG A 227 -11.34 -13.20 10.13
CA ARG A 227 -11.15 -12.94 8.68
C ARG A 227 -12.49 -13.13 7.98
N PHE A 228 -12.96 -12.11 7.27
CA PHE A 228 -14.20 -12.16 6.47
C PHE A 228 -13.83 -11.96 4.99
N ALA A 229 -13.81 -13.05 4.22
CA ALA A 229 -13.57 -13.04 2.76
C ALA A 229 -14.62 -12.14 2.12
N TRP A 230 -14.27 -11.40 1.08
CA TRP A 230 -15.20 -10.42 0.47
C TRP A 230 -16.52 -11.08 0.09
N PRO A 231 -16.52 -12.30 -0.51
CA PRO A 231 -17.79 -12.96 -0.83
C PRO A 231 -18.73 -13.13 0.38
N LYS A 232 -18.19 -13.18 1.60
CA LYS A 232 -19.00 -13.30 2.85
C LYS A 232 -19.60 -11.95 3.28
N VAL A 233 -19.36 -10.85 2.55
CA VAL A 233 -19.76 -9.47 2.91
C VAL A 233 -20.79 -8.94 1.90
N LEU A 234 -22.04 -8.75 2.33
CA LEU A 234 -23.15 -8.29 1.43
C LEU A 234 -23.30 -6.78 1.49
N LYS A 235 -23.11 -6.19 2.68
CA LYS A 235 -23.32 -4.73 2.89
C LYS A 235 -22.24 -4.21 3.85
N ILE A 236 -21.65 -3.10 3.42
CA ILE A 236 -20.73 -2.24 4.23
C ILE A 236 -21.46 -0.92 4.46
N SER A 237 -21.54 -0.44 5.69
CA SER A 237 -22.24 0.84 6.00
C SER A 237 -21.46 1.63 7.05
N TYR A 238 -21.67 2.95 7.09
CA TYR A 238 -21.21 3.80 8.20
C TYR A 238 -22.37 4.71 8.61
N LYS A 239 -22.39 5.07 9.88
CA LYS A 239 -23.32 6.07 10.43
C LYS A 239 -22.66 6.68 11.65
N ARG A 240 -22.57 8.01 11.68
CA ARG A 240 -21.85 8.76 12.75
C ARG A 240 -20.41 8.23 12.81
N ASN A 241 -19.95 7.75 13.96
CA ASN A 241 -18.56 7.27 14.19
C ASN A 241 -18.52 5.76 14.00
N ASN A 242 -19.59 5.16 13.45
CA ASN A 242 -19.76 3.68 13.50
C ASN A 242 -19.62 3.10 12.10
N PHE A 243 -18.94 1.96 12.05
CA PHE A 243 -18.74 1.16 10.82
C PHE A 243 -19.38 -0.21 11.08
N TYR A 244 -20.18 -0.69 10.12
CA TYR A 244 -20.95 -1.96 10.23
C TYR A 244 -20.64 -2.86 9.02
N ILE A 245 -20.44 -4.16 9.24
CA ILE A 245 -20.48 -5.09 8.07
C ILE A 245 -21.58 -6.14 8.25
N LYS A 246 -22.29 -6.44 7.17
CA LYS A 246 -23.34 -7.49 7.09
C LYS A 246 -22.65 -8.81 6.70
N ILE A 247 -22.57 -9.77 7.63
CA ILE A 247 -21.89 -11.10 7.43
C ILE A 247 -22.94 -12.17 7.08
N ARG A 248 -22.80 -12.77 5.89
CA ARG A 248 -23.78 -13.71 5.29
C ARG A 248 -24.20 -14.74 6.34
N PRO A 249 -25.47 -15.20 6.29
CA PRO A 249 -25.98 -16.15 7.27
C PRO A 249 -25.08 -17.39 7.40
N GLY A 250 -24.61 -17.94 6.28
CA GLY A 250 -24.01 -19.28 6.23
C GLY A 250 -25.09 -20.34 6.04
N GLU A 251 -24.74 -21.49 5.44
CA GLU A 251 -25.74 -22.52 5.01
C GLU A 251 -26.68 -22.88 6.17
N PHE A 252 -28.00 -22.80 5.93
CA PHE A 252 -29.08 -23.24 6.87
C PHE A 252 -29.21 -22.29 8.06
N GLU A 253 -28.71 -21.05 7.97
CA GLU A 253 -28.97 -19.99 8.97
C GLU A 253 -30.02 -19.04 8.37
N GLN A 254 -30.94 -18.52 9.18
CA GLN A 254 -32.12 -17.78 8.66
C GLN A 254 -31.71 -16.34 8.30
N PHE A 255 -30.73 -15.76 9.00
CA PHE A 255 -30.46 -14.29 8.99
C PHE A 255 -28.97 -13.97 8.83
N GLU A 256 -28.69 -12.99 7.96
CA GLU A 256 -27.44 -12.18 7.96
C GLU A 256 -27.08 -11.83 9.41
N SER A 257 -25.80 -11.80 9.82
CA SER A 257 -25.34 -11.34 11.16
C SER A 257 -24.58 -9.99 11.04
N THR A 258 -24.50 -9.21 12.13
CA THR A 258 -23.99 -7.81 12.09
C THR A 258 -22.90 -7.59 13.14
N ILE A 259 -21.78 -7.06 12.65
CA ILE A 259 -20.60 -6.69 13.48
C ILE A 259 -20.41 -5.17 13.34
N GLY A 260 -20.32 -4.50 14.48
CA GLY A 260 -20.26 -3.04 14.58
C GLY A 260 -18.93 -2.61 15.13
N PHE A 261 -18.37 -1.53 14.59
CA PHE A 261 -17.14 -0.93 15.16
C PHE A 261 -17.30 0.57 15.38
N LYS A 262 -16.62 1.07 16.40
CA LYS A 262 -16.51 2.51 16.71
C LYS A 262 -15.20 3.01 16.13
N LEU A 263 -15.26 4.00 15.25
CA LEU A 263 -14.06 4.66 14.72
C LEU A 263 -13.84 5.98 15.48
N PRO A 264 -12.62 6.54 15.40
CA PRO A 264 -12.27 7.76 16.15
C PRO A 264 -13.22 8.93 15.87
N ASN A 265 -13.74 9.02 14.65
CA ASN A 265 -14.61 10.15 14.24
C ASN A 265 -15.33 9.76 12.98
N HIS A 266 -16.25 10.60 12.55
CA HIS A 266 -17.11 10.35 11.38
C HIS A 266 -16.28 10.20 10.10
N ARG A 267 -15.24 11.03 9.94
CA ARG A 267 -14.37 11.01 8.74
C ARG A 267 -13.61 9.67 8.69
N ALA A 268 -13.14 9.16 9.83
CA ALA A 268 -12.45 7.86 9.92
C ALA A 268 -13.41 6.72 9.51
N ALA A 269 -14.69 6.80 9.90
CA ALA A 269 -15.67 5.74 9.57
C ALA A 269 -15.92 5.80 8.06
N LYS A 270 -16.10 6.99 7.52
CA LYS A 270 -16.40 7.14 6.07
C LYS A 270 -15.19 6.63 5.28
N ARG A 271 -13.98 6.99 5.70
CA ARG A 271 -12.72 6.62 5.01
C ARG A 271 -12.59 5.07 4.97
N LEU A 272 -12.83 4.41 6.10
CA LEU A 272 -12.81 2.93 6.17
C LEU A 272 -13.89 2.35 5.25
N TRP A 273 -15.11 2.86 5.31
CA TRP A 273 -16.21 2.41 4.42
C TRP A 273 -15.74 2.49 2.96
N LYS A 274 -15.17 3.61 2.53
CA LYS A 274 -14.84 3.83 1.10
C LYS A 274 -13.72 2.87 0.66
N VAL A 275 -12.70 2.68 1.48
CA VAL A 275 -11.61 1.72 1.10
C VAL A 275 -12.15 0.29 1.06
N CYS A 276 -13.11 -0.08 1.93
CA CYS A 276 -13.76 -1.43 1.92
C CYS A 276 -14.54 -1.62 0.61
N VAL A 277 -15.43 -0.69 0.30
CA VAL A 277 -16.22 -0.73 -0.95
C VAL A 277 -15.28 -0.82 -2.15
N GLU A 278 -14.23 -0.01 -2.20
CA GLU A 278 -13.30 0.00 -3.37
C GLU A 278 -12.58 -1.34 -3.44
N HIS A 279 -12.12 -1.90 -2.32
CA HIS A 279 -11.46 -3.22 -2.31
C HIS A 279 -12.44 -4.33 -2.74
N HIS A 280 -13.66 -4.29 -2.25
CA HIS A 280 -14.71 -5.31 -2.56
C HIS A 280 -14.96 -5.31 -4.08
N THR A 281 -15.13 -4.13 -4.68
CA THR A 281 -15.34 -3.99 -6.15
C THR A 281 -14.10 -4.52 -6.88
N PHE A 282 -12.94 -4.03 -6.51
CA PHE A 282 -11.69 -4.34 -7.25
C PHE A 282 -11.47 -5.85 -7.22
N PHE A 283 -11.56 -6.45 -6.03
CA PHE A 283 -11.11 -7.86 -5.82
C PHE A 283 -12.24 -8.86 -6.17
N ARG A 284 -13.45 -8.34 -6.44
CA ARG A 284 -14.61 -9.10 -6.97
C ARG A 284 -14.52 -9.20 -8.51
N LEU A 285 -13.67 -8.39 -9.13
CA LEU A 285 -13.46 -8.38 -10.61
C LEU A 285 -12.17 -9.11 -10.95
N LEU A 286 -11.24 -9.17 -9.98
CA LEU A 286 -9.96 -9.92 -10.10
C LEU A 286 -10.21 -11.38 -9.70
N1 WH4 B . -6.28 5.78 8.19
C4 WH4 B . -5.38 4.28 5.96
C5 WH4 B . -5.54 3.67 7.21
C6 WH4 B . -5.97 4.44 8.30
C7 WH4 B . -6.12 6.36 6.96
N WH4 B . -5.47 6.30 4.61
C WH4 B . -5.08 6.48 2.16
C1 WH4 B . -5.84 5.75 3.29
C2 WH4 B . -7.36 5.93 3.14
C3 WH4 B . -5.67 5.62 5.81
S DMS C . 8.50 8.30 -0.63
O DMS C . 7.88 6.97 -0.99
C1 DMS C . 8.20 8.50 1.13
C2 DMS C . 10.25 8.03 -0.54
S DMS D . -3.20 -11.86 3.61
O DMS D . -2.12 -12.65 4.28
C1 DMS D . -2.42 -10.36 3.04
C2 DMS D . -4.17 -11.18 4.92
S DMS E . -3.08 -10.14 -10.43
O DMS E . -2.72 -10.12 -8.96
C1 DMS E . -1.96 -9.08 -11.28
C2 DMS E . -4.53 -9.12 -10.61
C1 EDO F . 6.72 -6.07 -20.74
O1 EDO F . 7.24 -5.40 -19.60
C2 EDO F . 6.98 -7.54 -20.76
O2 EDO F . 6.86 -8.21 -19.50
C1 EDO G . 0.93 4.51 2.75
O1 EDO G . 2.02 5.03 1.98
C2 EDO G . -0.07 3.87 1.92
O2 EDO G . -0.66 4.76 0.99
C1 EDO H . 0.18 0.45 8.68
O1 EDO H . -0.52 0.79 9.85
C2 EDO H . -0.46 -0.57 7.81
O2 EDO H . -1.65 -0.13 7.21
C1 EDO I . 16.50 3.93 0.11
O1 EDO I . 17.70 4.44 -0.39
C2 EDO I . 16.18 2.62 -0.43
O2 EDO I . 14.92 2.07 -0.03
C1 EDO J . -13.41 18.60 12.46
O1 EDO J . -12.96 19.90 12.13
C2 EDO J . -13.20 17.60 11.38
O2 EDO J . -14.18 17.64 10.33
C1 EDO K . 0.48 -1.16 3.12
O1 EDO K . 0.85 0.18 3.36
C2 EDO K . -0.90 -1.29 2.64
O2 EDO K . -1.60 -0.06 2.77
#